data_2G6U
#
_entry.id   2G6U
#
_entity_poly.entity_id   1
_entity_poly.type   'polypeptide(L)'
_entity_poly.pdbx_seq_one_letter_code
;RCCHPQCGMVEECRK
;
_entity_poly.pdbx_strand_id   A
#
# COMPACT_ATOMS: atom_id res chain seq x y z
N ARG A 1 -6.23 4.69 -4.49
CA ARG A 1 -5.85 5.02 -3.08
C ARG A 1 -4.34 4.96 -2.88
N CYS A 2 -3.90 5.22 -1.66
CA CYS A 2 -2.48 5.21 -1.34
C CYS A 2 -2.08 3.87 -0.72
N CYS A 3 -1.70 2.92 -1.57
CA CYS A 3 -1.28 1.61 -1.11
C CYS A 3 0.23 1.52 -1.01
N HIS A 4 0.87 2.66 -0.77
CA HIS A 4 2.32 2.71 -0.65
C HIS A 4 2.76 2.37 0.77
N PRO A 5 3.91 1.68 0.92
CA PRO A 5 4.43 1.30 2.23
C PRO A 5 4.56 2.51 3.15
N GLN A 6 4.69 3.69 2.54
CA GLN A 6 4.83 4.93 3.29
C GLN A 6 3.50 5.31 3.95
N CYS A 7 2.41 5.05 3.25
CA CYS A 7 1.08 5.37 3.76
C CYS A 7 0.66 4.37 4.83
N GLY A 8 1.13 3.13 4.70
CA GLY A 8 0.79 2.10 5.67
C GLY A 8 -0.04 0.99 5.06
N MET A 9 0.28 0.63 3.82
CA MET A 9 -0.44 -0.43 3.12
C MET A 9 -0.19 -1.79 3.77
N VAL A 10 -1.04 -2.15 4.72
CA VAL A 10 -0.92 -3.42 5.42
C VAL A 10 -0.95 -4.58 4.44
N GLU A 11 -1.64 -4.41 3.32
CA GLU A 11 -1.74 -5.45 2.31
C GLU A 11 -0.96 -5.07 1.05
N GLU A 12 -0.14 -5.99 0.57
CA GLU A 12 0.66 -5.74 -0.63
C GLU A 12 -0.23 -5.39 -1.82
N CYS A 13 0.03 -4.22 -2.41
CA CYS A 13 -0.75 -3.76 -3.56
C CYS A 13 -0.65 -4.75 -4.71
N ARG A 14 -1.65 -4.74 -5.58
CA ARG A 14 -1.68 -5.63 -6.74
C ARG A 14 -0.61 -5.24 -7.75
N LYS A 15 -0.40 -3.95 -7.92
CA LYS A 15 0.59 -3.44 -8.85
C LYS A 15 1.94 -3.25 -8.17
N ARG A 1 -6.38 4.84 -3.89
CA ARG A 1 -5.92 3.82 -2.91
C ARG A 1 -4.50 4.13 -2.42
N CYS A 2 -4.37 4.41 -1.13
CA CYS A 2 -3.07 4.72 -0.54
C CYS A 2 -2.40 3.45 -0.02
N CYS A 3 -1.96 2.60 -0.94
CA CYS A 3 -1.30 1.35 -0.57
C CYS A 3 0.21 1.50 -0.64
N HIS A 4 0.69 2.72 -0.42
CA HIS A 4 2.12 3.00 -0.46
C HIS A 4 2.74 2.82 0.93
N PRO A 5 4.03 2.42 0.98
CA PRO A 5 4.74 2.22 2.24
C PRO A 5 4.62 3.42 3.16
N GLN A 6 4.84 4.61 2.62
CA GLN A 6 4.76 5.84 3.39
C GLN A 6 3.37 6.00 4.00
N CYS A 7 2.37 5.48 3.30
CA CYS A 7 0.99 5.56 3.78
C CYS A 7 0.68 4.42 4.74
N GLY A 8 1.32 3.28 4.52
CA GLY A 8 1.11 2.12 5.37
C GLY A 8 0.80 0.87 4.59
N MET A 9 1.77 0.40 3.80
CA MET A 9 1.59 -0.79 2.99
C MET A 9 1.27 -2.00 3.87
N VAL A 10 0.00 -2.20 4.16
CA VAL A 10 -0.43 -3.32 4.99
C VAL A 10 -1.24 -4.33 4.18
N GLU A 11 -1.95 -3.84 3.18
CA GLU A 11 -2.77 -4.70 2.33
C GLU A 11 -2.04 -5.01 1.02
N GLU A 12 -2.03 -6.29 0.66
CA GLU A 12 -1.37 -6.72 -0.57
C GLU A 12 -1.99 -6.04 -1.80
N CYS A 13 -1.16 -5.29 -2.52
CA CYS A 13 -1.62 -4.58 -3.71
C CYS A 13 -0.70 -4.85 -4.89
N ARG A 14 -1.27 -5.30 -6.00
CA ARG A 14 -0.50 -5.58 -7.20
C ARG A 14 0.12 -4.31 -7.76
N LYS A 15 1.33 -4.44 -8.31
CA LYS A 15 2.04 -3.30 -8.88
C LYS A 15 1.23 -2.69 -10.03
N ARG A 1 -5.21 5.05 -3.92
CA ARG A 1 -4.05 4.14 -4.16
C ARG A 1 -2.88 4.47 -3.25
N CYS A 2 -3.16 4.67 -1.97
CA CYS A 2 -2.13 5.00 -1.00
C CYS A 2 -1.46 3.73 -0.47
N CYS A 3 -0.65 3.11 -1.33
CA CYS A 3 0.06 1.89 -0.95
C CYS A 3 1.49 2.20 -0.53
N HIS A 4 1.71 3.40 -0.03
CA HIS A 4 3.03 3.81 0.41
C HIS A 4 3.27 3.47 1.88
N PRO A 5 4.53 3.19 2.25
CA PRO A 5 4.88 2.85 3.64
C PRO A 5 4.34 3.86 4.65
N GLN A 6 4.53 5.15 4.34
CA GLN A 6 4.05 6.21 5.21
C GLN A 6 2.53 6.13 5.41
N CYS A 7 1.84 5.64 4.38
CA CYS A 7 0.39 5.51 4.43
C CYS A 7 0.00 4.22 5.14
N GLY A 8 0.72 3.14 4.85
CA GLY A 8 0.42 1.86 5.46
C GLY A 8 0.28 0.75 4.44
N MET A 9 1.42 0.32 3.87
CA MET A 9 1.43 -0.74 2.88
C MET A 9 1.15 -2.10 3.53
N VAL A 10 -0.11 -2.33 3.89
CA VAL A 10 -0.50 -3.58 4.52
C VAL A 10 -1.12 -4.53 3.50
N GLU A 11 -1.80 -3.96 2.51
CA GLU A 11 -2.45 -4.76 1.47
C GLU A 11 -1.57 -4.85 0.23
N GLU A 12 -1.44 -6.06 -0.30
CA GLU A 12 -0.63 -6.28 -1.49
C GLU A 12 -1.29 -5.65 -2.71
N CYS A 13 -0.92 -4.41 -3.01
CA CYS A 13 -1.48 -3.69 -4.14
C CYS A 13 -0.82 -4.14 -5.44
N ARG A 14 -1.45 -3.84 -6.57
CA ARG A 14 -0.94 -4.21 -7.87
C ARG A 14 -0.81 -5.72 -8.00
N LYS A 15 -1.94 -6.38 -8.28
CA LYS A 15 -1.95 -7.83 -8.42
C LYS A 15 -1.56 -8.25 -9.84
N ARG A 1 -6.13 6.76 -2.89
CA ARG A 1 -5.42 5.46 -3.07
C ARG A 1 -3.96 5.57 -2.66
N CYS A 2 -3.70 5.49 -1.36
CA CYS A 2 -2.35 5.58 -0.83
C CYS A 2 -1.85 4.21 -0.37
N CYS A 3 -1.35 3.42 -1.32
CA CYS A 3 -0.84 2.09 -1.00
C CYS A 3 0.67 2.12 -0.84
N HIS A 4 1.20 3.27 -0.40
CA HIS A 4 2.63 3.43 -0.21
C HIS A 4 3.07 2.82 1.11
N PRO A 5 4.25 2.16 1.13
CA PRO A 5 4.77 1.54 2.35
C PRO A 5 4.84 2.53 3.50
N GLN A 6 4.92 3.82 3.16
CA GLN A 6 4.99 4.88 4.16
C GLN A 6 3.60 5.23 4.68
N CYS A 7 2.61 5.16 3.79
CA CYS A 7 1.23 5.47 4.16
C CYS A 7 0.68 4.42 5.13
N GLY A 8 0.84 3.16 4.76
CA GLY A 8 0.34 2.08 5.60
C GLY A 8 -0.40 1.02 4.82
N MET A 9 0.16 0.63 3.67
CA MET A 9 -0.45 -0.38 2.83
C MET A 9 -0.34 -1.76 3.46
N VAL A 10 -1.32 -2.12 4.29
CA VAL A 10 -1.32 -3.41 4.95
C VAL A 10 -1.42 -4.55 3.95
N GLU A 11 -2.08 -4.29 2.83
CA GLU A 11 -2.25 -5.29 1.79
C GLU A 11 -1.31 -5.01 0.61
N GLU A 12 -0.61 -6.05 0.16
CA GLU A 12 0.32 -5.92 -0.95
C GLU A 12 -0.41 -5.45 -2.21
N CYS A 13 0.02 -4.32 -2.75
CA CYS A 13 -0.60 -3.77 -3.96
C CYS A 13 0.17 -4.20 -5.20
N ARG A 14 -0.30 -3.78 -6.37
CA ARG A 14 0.33 -4.13 -7.63
C ARG A 14 0.37 -5.64 -7.83
N LYS A 15 -0.76 -6.19 -8.27
CA LYS A 15 -0.87 -7.63 -8.50
C LYS A 15 -2.23 -7.99 -9.07
N ARG A 1 -6.16 5.51 -4.47
CA ARG A 1 -5.76 4.60 -3.36
C ARG A 1 -4.27 4.67 -3.09
N CYS A 2 -3.92 5.09 -1.87
CA CYS A 2 -2.51 5.21 -1.48
C CYS A 2 -1.99 3.90 -0.90
N CYS A 3 -1.47 3.04 -1.77
CA CYS A 3 -0.94 1.75 -1.33
C CYS A 3 0.58 1.83 -1.16
N HIS A 4 1.07 3.02 -0.84
CA HIS A 4 2.50 3.24 -0.64
C HIS A 4 2.93 2.77 0.75
N PRO A 5 4.14 2.19 0.85
CA PRO A 5 4.67 1.73 2.14
C PRO A 5 4.65 2.82 3.20
N GLN A 6 4.63 4.07 2.75
CA GLN A 6 4.61 5.22 3.64
C GLN A 6 3.20 5.44 4.19
N CYS A 7 2.20 5.24 3.34
CA CYS A 7 0.81 5.41 3.73
C CYS A 7 0.38 4.33 4.72
N GLY A 8 0.98 3.14 4.58
CA GLY A 8 0.64 2.05 5.47
C GLY A 8 -0.10 0.93 4.74
N MET A 9 0.47 0.47 3.64
CA MET A 9 -0.13 -0.59 2.85
C MET A 9 0.16 -1.96 3.47
N VAL A 10 -0.64 -2.34 4.46
CA VAL A 10 -0.47 -3.63 5.13
C VAL A 10 -0.84 -4.79 4.21
N GLU A 11 -1.76 -4.54 3.29
CA GLU A 11 -2.20 -5.56 2.35
C GLU A 11 -1.34 -5.53 1.09
N GLU A 12 -0.93 -6.71 0.64
CA GLU A 12 -0.11 -6.82 -0.57
C GLU A 12 -0.77 -6.15 -1.76
N CYS A 13 -0.25 -4.99 -2.15
CA CYS A 13 -0.78 -4.23 -3.27
C CYS A 13 -0.58 -4.98 -4.58
N ARG A 14 -1.58 -4.92 -5.44
CA ARG A 14 -1.51 -5.60 -6.73
C ARG A 14 -0.35 -5.05 -7.58
N LYS A 15 -0.11 -3.75 -7.46
CA LYS A 15 0.96 -3.11 -8.20
C LYS A 15 1.61 -2.00 -7.36
N ARG A 1 -0.23 6.11 -6.89
CA ARG A 1 -0.70 5.06 -5.95
C ARG A 1 -0.28 5.36 -4.52
N CYS A 2 -0.99 4.77 -3.56
CA CYS A 2 -0.69 4.98 -2.15
C CYS A 2 -0.25 3.68 -1.49
N CYS A 3 0.68 2.98 -2.13
CA CYS A 3 1.19 1.72 -1.61
C CYS A 3 2.41 1.98 -0.74
N HIS A 4 2.23 2.75 0.32
CA HIS A 4 3.32 3.10 1.22
C HIS A 4 2.85 3.23 2.66
N PRO A 5 3.82 3.38 3.57
CA PRO A 5 3.56 3.53 5.01
C PRO A 5 2.48 4.57 5.30
N GLN A 6 2.45 5.63 4.49
CA GLN A 6 1.46 6.70 4.67
C GLN A 6 0.04 6.15 4.60
N CYS A 7 -0.14 5.09 3.82
CA CYS A 7 -1.45 4.47 3.67
C CYS A 7 -1.50 3.12 4.38
N GLY A 8 -0.36 2.45 4.45
CA GLY A 8 -0.28 1.15 5.09
C GLY A 8 0.30 0.08 4.19
N MET A 9 1.60 0.16 3.95
CA MET A 9 2.28 -0.81 3.10
C MET A 9 2.33 -2.19 3.77
N VAL A 10 1.17 -2.84 3.85
CA VAL A 10 1.08 -4.16 4.46
C VAL A 10 0.42 -5.15 3.52
N GLU A 11 -0.65 -4.72 2.88
CA GLU A 11 -1.39 -5.58 1.94
C GLU A 11 -0.84 -5.44 0.53
N GLU A 12 -0.62 -6.57 -0.13
CA GLU A 12 -0.10 -6.57 -1.49
C GLU A 12 -0.98 -5.74 -2.42
N CYS A 13 -0.52 -4.53 -2.72
CA CYS A 13 -1.28 -3.63 -3.60
C CYS A 13 -1.36 -4.20 -5.01
N ARG A 14 -1.86 -3.39 -5.94
CA ARG A 14 -2.00 -3.81 -7.33
C ARG A 14 -2.93 -5.01 -7.44
N LYS A 15 -4.23 -4.75 -7.33
CA LYS A 15 -5.23 -5.80 -7.42
C LYS A 15 -5.02 -6.85 -6.33
N ARG A 1 -4.50 4.60 -5.89
CA ARG A 1 -4.27 3.77 -4.67
C ARG A 1 -3.11 4.30 -3.85
N CYS A 2 -3.15 4.06 -2.54
CA CYS A 2 -2.09 4.52 -1.65
C CYS A 2 -1.32 3.32 -1.07
N CYS A 3 -0.39 2.79 -1.86
CA CYS A 3 0.42 1.66 -1.43
C CYS A 3 1.77 2.14 -0.90
N HIS A 4 1.79 3.35 -0.37
CA HIS A 4 3.02 3.93 0.16
C HIS A 4 3.30 3.39 1.57
N PRO A 5 4.58 3.09 1.88
CA PRO A 5 4.96 2.58 3.20
C PRO A 5 4.49 3.49 4.32
N GLN A 6 4.26 4.75 3.98
CA GLN A 6 3.79 5.74 4.96
C GLN A 6 2.28 5.67 5.11
N CYS A 7 1.59 5.41 4.00
CA CYS A 7 0.13 5.33 4.00
C CYS A 7 -0.34 4.14 4.83
N GLY A 8 0.48 3.08 4.87
CA GLY A 8 0.13 1.90 5.62
C GLY A 8 -0.29 0.74 4.73
N MET A 9 0.53 0.45 3.73
CA MET A 9 0.25 -0.64 2.80
C MET A 9 0.52 -2.00 3.45
N VAL A 10 -0.23 -2.31 4.50
CA VAL A 10 -0.07 -3.57 5.20
C VAL A 10 -0.39 -4.76 4.30
N GLU A 11 -1.29 -4.54 3.35
CA GLU A 11 -1.68 -5.59 2.42
C GLU A 11 -1.01 -5.41 1.06
N GLU A 12 -0.43 -6.48 0.54
CA GLU A 12 0.25 -6.44 -0.76
C GLU A 12 -0.70 -5.97 -1.86
N CYS A 13 -0.63 -4.68 -2.17
CA CYS A 13 -1.48 -4.10 -3.21
C CYS A 13 -1.23 -4.77 -4.55
N ARG A 14 -2.28 -4.91 -5.34
CA ARG A 14 -2.18 -5.54 -6.65
C ARG A 14 -2.19 -4.48 -7.76
N LYS A 15 -1.06 -4.34 -8.44
CA LYS A 15 -0.94 -3.37 -9.52
C LYS A 15 -1.49 -3.93 -10.83
N ARG A 1 -3.52 3.51 -6.04
CA ARG A 1 -3.88 3.32 -4.60
C ARG A 1 -2.76 3.79 -3.68
N CYS A 2 -3.10 4.01 -2.42
CA CYS A 2 -2.12 4.47 -1.43
C CYS A 2 -1.42 3.27 -0.78
N CYS A 3 -0.54 2.63 -1.55
CA CYS A 3 0.21 1.48 -1.04
C CYS A 3 1.60 1.89 -0.58
N HIS A 4 1.73 3.14 -0.15
CA HIS A 4 3.00 3.66 0.32
C HIS A 4 3.16 3.44 1.82
N PRO A 5 4.41 3.23 2.29
CA PRO A 5 4.69 3.01 3.71
C PRO A 5 4.07 4.07 4.60
N GLN A 6 4.21 5.33 4.19
CA GLN A 6 3.68 6.45 4.95
C GLN A 6 2.17 6.34 5.09
N CYS A 7 1.52 5.75 4.07
CA CYS A 7 0.08 5.57 4.08
C CYS A 7 -0.31 4.35 4.91
N GLY A 8 0.40 3.24 4.69
CA GLY A 8 0.11 2.03 5.42
C GLY A 8 0.12 0.80 4.53
N MET A 9 1.26 0.52 3.92
CA MET A 9 1.40 -0.63 3.04
C MET A 9 1.45 -1.93 3.84
N VAL A 10 0.28 -2.41 4.24
CA VAL A 10 0.18 -3.65 5.02
C VAL A 10 -0.45 -4.76 4.20
N GLU A 11 -1.36 -4.38 3.29
CA GLU A 11 -2.04 -5.35 2.45
C GLU A 11 -1.36 -5.46 1.09
N GLU A 12 -1.14 -6.70 0.64
CA GLU A 12 -0.49 -6.95 -0.64
C GLU A 12 -1.26 -6.29 -1.78
N CYS A 13 -0.73 -5.19 -2.29
CA CYS A 13 -1.36 -4.46 -3.38
C CYS A 13 -0.97 -5.06 -4.74
N ARG A 14 -1.72 -4.70 -5.77
CA ARG A 14 -1.46 -5.20 -7.11
C ARG A 14 -1.86 -4.17 -8.17
N LYS A 15 -1.38 -4.37 -9.39
CA LYS A 15 -1.69 -3.45 -10.49
C LYS A 15 -3.01 -3.83 -11.15
N ARG A 1 -5.91 3.12 -4.52
CA ARG A 1 -5.69 3.83 -3.24
C ARG A 1 -4.21 4.08 -2.99
N CYS A 2 -3.88 4.55 -1.80
CA CYS A 2 -2.48 4.83 -1.43
C CYS A 2 -1.76 3.54 -1.05
N CYS A 3 -1.02 2.98 -2.01
CA CYS A 3 -0.27 1.75 -1.76
C CYS A 3 1.18 2.07 -1.43
N HIS A 4 1.42 3.26 -0.88
CA HIS A 4 2.76 3.69 -0.51
C HIS A 4 3.17 3.09 0.83
N PRO A 5 4.43 2.61 0.95
CA PRO A 5 4.92 2.03 2.20
C PRO A 5 4.77 2.99 3.37
N GLN A 6 4.69 4.28 3.07
CA GLN A 6 4.54 5.30 4.10
C GLN A 6 3.10 5.38 4.58
N CYS A 7 2.15 5.24 3.64
CA CYS A 7 0.74 5.29 3.97
C CYS A 7 0.36 4.19 4.96
N GLY A 8 1.09 3.08 4.90
CA GLY A 8 0.81 1.96 5.80
C GLY A 8 0.04 0.85 5.12
N MET A 9 0.38 0.58 3.86
CA MET A 9 -0.29 -0.46 3.09
C MET A 9 0.11 -1.84 3.60
N VAL A 10 -0.64 -2.35 4.58
CA VAL A 10 -0.37 -3.67 5.15
C VAL A 10 -0.81 -4.78 4.20
N GLU A 11 -1.86 -4.50 3.42
CA GLU A 11 -2.38 -5.48 2.48
C GLU A 11 -1.70 -5.36 1.13
N GLU A 12 -1.32 -6.48 0.54
CA GLU A 12 -0.65 -6.49 -0.75
C GLU A 12 -1.49 -5.78 -1.81
N CYS A 13 -1.06 -4.59 -2.18
CA CYS A 13 -1.77 -3.80 -3.19
C CYS A 13 -0.89 -3.54 -4.40
N ARG A 14 -0.24 -4.59 -4.89
CA ARG A 14 0.63 -4.47 -6.05
C ARG A 14 -0.18 -4.39 -7.34
N LYS A 15 0.52 -4.33 -8.47
CA LYS A 15 -0.14 -4.25 -9.77
C LYS A 15 -1.00 -2.99 -9.86
N ARG A 1 -4.68 3.18 -5.49
CA ARG A 1 -4.90 3.32 -4.02
C ARG A 1 -3.62 3.72 -3.30
N CYS A 2 -3.76 4.06 -2.03
CA CYS A 2 -2.61 4.47 -1.22
C CYS A 2 -1.91 3.26 -0.62
N CYS A 3 -1.21 2.50 -1.46
CA CYS A 3 -0.50 1.31 -1.02
C CYS A 3 0.98 1.62 -0.78
N HIS A 4 1.27 2.87 -0.42
CA HIS A 4 2.64 3.29 -0.17
C HIS A 4 3.00 3.11 1.31
N PRO A 5 4.28 2.83 1.60
CA PRO A 5 4.76 2.64 2.97
C PRO A 5 4.34 3.78 3.90
N GLN A 6 4.55 5.01 3.43
CA GLN A 6 4.20 6.19 4.21
C GLN A 6 2.71 6.19 4.54
N CYS A 7 1.92 5.62 3.64
CA CYS A 7 0.48 5.55 3.85
C CYS A 7 0.09 4.37 4.72
N GLY A 8 0.79 3.25 4.54
CA GLY A 8 0.52 2.07 5.33
C GLY A 8 0.32 0.83 4.47
N MET A 9 1.32 0.51 3.65
CA MET A 9 1.25 -0.64 2.78
C MET A 9 1.23 -1.94 3.59
N VAL A 10 0.06 -2.27 4.13
CA VAL A 10 -0.10 -3.47 4.93
C VAL A 10 -0.81 -4.56 4.13
N GLU A 11 -1.69 -4.14 3.22
CA GLU A 11 -2.43 -5.09 2.39
C GLU A 11 -1.71 -5.33 1.07
N GLU A 12 -1.61 -6.59 0.68
CA GLU A 12 -0.95 -6.95 -0.57
C GLU A 12 -1.65 -6.30 -1.77
N CYS A 13 -0.89 -5.48 -2.49
CA CYS A 13 -1.44 -4.79 -3.66
C CYS A 13 -0.59 -5.07 -4.90
N ARG A 14 -1.26 -5.40 -6.01
CA ARG A 14 -0.57 -5.69 -7.26
C ARG A 14 -0.28 -4.41 -8.03
N LYS A 15 -1.15 -3.42 -7.89
CA LYS A 15 -0.98 -2.14 -8.57
C LYS A 15 0.33 -1.47 -8.15
N ARG A 1 -3.27 5.62 -5.84
CA ARG A 1 -3.43 4.74 -4.66
C ARG A 1 -2.33 5.01 -3.62
N CYS A 2 -2.72 5.01 -2.35
CA CYS A 2 -1.79 5.26 -1.27
C CYS A 2 -1.20 3.95 -0.74
N CYS A 3 -0.31 3.35 -1.54
CA CYS A 3 0.32 2.09 -1.15
C CYS A 3 1.70 2.33 -0.56
N HIS A 4 1.88 3.50 0.05
CA HIS A 4 3.15 3.86 0.65
C HIS A 4 3.20 3.43 2.12
N PRO A 5 4.39 3.08 2.62
CA PRO A 5 4.56 2.66 4.02
C PRO A 5 3.97 3.65 5.01
N GLN A 6 4.23 4.93 4.77
CA GLN A 6 3.72 5.99 5.64
C GLN A 6 2.20 5.97 5.67
N CYS A 7 1.59 5.57 4.56
CA CYS A 7 0.13 5.51 4.47
C CYS A 7 -0.40 4.23 5.12
N GLY A 8 0.36 3.15 4.99
CA GLY A 8 -0.06 1.89 5.56
C GLY A 8 -0.11 0.77 4.53
N MET A 9 0.99 0.57 3.83
CA MET A 9 1.07 -0.47 2.80
C MET A 9 1.09 -1.86 3.44
N VAL A 10 -0.09 -2.42 3.67
CA VAL A 10 -0.21 -3.74 4.27
C VAL A 10 -0.72 -4.76 3.25
N GLU A 11 -1.54 -4.30 2.32
CA GLU A 11 -2.10 -5.17 1.29
C GLU A 11 -1.35 -5.01 -0.02
N GLU A 12 -0.99 -6.13 -0.63
CA GLU A 12 -0.28 -6.12 -1.91
C GLU A 12 -1.07 -5.36 -2.97
N CYS A 13 -0.50 -4.24 -3.42
CA CYS A 13 -1.15 -3.42 -4.44
C CYS A 13 -0.66 -3.80 -5.84
N ARG A 14 -0.65 -5.11 -6.11
CA ARG A 14 -0.20 -5.59 -7.41
C ARG A 14 -1.36 -6.23 -8.19
N LYS A 15 -2.24 -6.90 -7.46
CA LYS A 15 -3.40 -7.55 -8.08
C LYS A 15 -4.61 -7.48 -7.16
N ARG A 1 -5.76 5.53 -3.74
CA ARG A 1 -4.89 4.34 -4.00
C ARG A 1 -3.48 4.55 -3.46
N CYS A 2 -3.40 5.03 -2.22
CA CYS A 2 -2.11 5.29 -1.60
C CYS A 2 -1.51 4.00 -1.06
N CYS A 3 -0.74 3.31 -1.89
CA CYS A 3 -0.09 2.06 -1.49
C CYS A 3 1.34 2.31 -1.05
N HIS A 4 1.61 3.52 -0.55
CA HIS A 4 2.94 3.88 -0.09
C HIS A 4 3.20 3.33 1.31
N PRO A 5 4.45 2.91 1.59
CA PRO A 5 4.81 2.38 2.91
C PRO A 5 4.45 3.34 4.02
N GLN A 6 4.35 4.62 3.69
CA GLN A 6 4.01 5.66 4.65
C GLN A 6 2.52 5.62 4.97
N CYS A 7 1.71 5.36 3.95
CA CYS A 7 0.26 5.29 4.12
C CYS A 7 -0.14 4.05 4.90
N GLY A 8 0.64 2.98 4.74
CA GLY A 8 0.35 1.74 5.43
C GLY A 8 0.07 0.60 4.47
N MET A 9 0.88 0.49 3.42
CA MET A 9 0.72 -0.57 2.44
C MET A 9 0.99 -1.94 3.05
N VAL A 10 0.02 -2.45 3.79
CA VAL A 10 0.15 -3.76 4.43
C VAL A 10 -0.42 -4.86 3.54
N GLU A 11 -1.43 -4.52 2.75
CA GLU A 11 -2.06 -5.48 1.85
C GLU A 11 -1.53 -5.32 0.44
N GLU A 12 -1.19 -6.44 -0.18
CA GLU A 12 -0.66 -6.43 -1.55
C GLU A 12 -1.64 -5.74 -2.50
N CYS A 13 -1.41 -4.46 -2.74
CA CYS A 13 -2.27 -3.68 -3.63
C CYS A 13 -2.07 -4.12 -5.08
N ARG A 14 -2.50 -5.34 -5.40
CA ARG A 14 -2.38 -5.89 -6.75
C ARG A 14 -1.00 -5.61 -7.33
N LYS A 15 0.02 -5.67 -6.50
CA LYS A 15 1.39 -5.44 -6.93
C LYS A 15 1.54 -4.03 -7.49
N ARG A 1 -5.64 4.80 -4.16
CA ARG A 1 -5.50 4.28 -2.77
C ARG A 1 -4.10 4.54 -2.24
N CYS A 2 -4.00 4.80 -0.93
CA CYS A 2 -2.71 5.05 -0.30
C CYS A 2 -2.07 3.75 0.18
N CYS A 3 -1.57 2.97 -0.77
CA CYS A 3 -0.93 1.70 -0.47
C CYS A 3 0.59 1.84 -0.43
N HIS A 4 1.06 3.05 -0.13
CA HIS A 4 2.48 3.32 -0.07
C HIS A 4 3.03 3.04 1.32
N PRO A 5 4.31 2.63 1.41
CA PRO A 5 4.96 2.34 2.70
C PRO A 5 4.80 3.47 3.70
N GLN A 6 5.07 4.69 3.25
CA GLN A 6 4.96 5.86 4.11
C GLN A 6 3.54 6.01 4.64
N CYS A 7 2.57 5.55 3.85
CA CYS A 7 1.18 5.64 4.25
C CYS A 7 0.78 4.46 5.14
N GLY A 8 1.15 3.25 4.70
CA GLY A 8 0.84 2.06 5.46
C GLY A 8 0.34 0.92 4.58
N MET A 9 1.24 0.40 3.75
CA MET A 9 0.89 -0.70 2.85
C MET A 9 0.42 -1.91 3.63
N VAL A 10 -0.90 -2.01 3.83
CA VAL A 10 -1.48 -3.13 4.56
C VAL A 10 -1.97 -4.20 3.60
N GLU A 11 -2.41 -3.78 2.42
CA GLU A 11 -2.91 -4.71 1.41
C GLU A 11 -1.87 -4.97 0.33
N GLU A 12 -1.67 -6.24 0.00
CA GLU A 12 -0.69 -6.62 -1.01
C GLU A 12 -1.01 -5.97 -2.35
N CYS A 13 -0.44 -4.79 -2.58
CA CYS A 13 -0.67 -4.06 -3.82
C CYS A 13 0.49 -4.27 -4.79
N ARG A 14 0.16 -4.75 -6.00
CA ARG A 14 1.18 -5.00 -7.02
C ARG A 14 0.56 -4.97 -8.41
N LYS A 15 -0.52 -5.73 -8.59
CA LYS A 15 -1.21 -5.79 -9.87
C LYS A 15 -2.60 -6.41 -9.72
N ARG A 1 -5.62 4.19 -4.63
CA ARG A 1 -4.86 3.08 -4.01
C ARG A 1 -3.56 3.58 -3.38
N CYS A 2 -3.63 3.90 -2.09
CA CYS A 2 -2.45 4.39 -1.37
C CYS A 2 -1.64 3.24 -0.82
N CYS A 3 -0.82 2.62 -1.66
CA CYS A 3 0.01 1.51 -1.25
C CYS A 3 1.43 1.99 -0.94
N HIS A 4 1.54 3.23 -0.50
CA HIS A 4 2.83 3.81 -0.17
C HIS A 4 3.29 3.37 1.22
N PRO A 5 4.59 3.07 1.40
CA PRO A 5 5.13 2.64 2.68
C PRO A 5 4.80 3.64 3.79
N GLN A 6 4.55 4.88 3.40
CA GLN A 6 4.21 5.93 4.36
C GLN A 6 2.73 5.91 4.70
N CYS A 7 1.91 5.59 3.70
CA CYS A 7 0.47 5.52 3.89
C CYS A 7 0.09 4.40 4.84
N GLY A 8 0.63 3.21 4.60
CA GLY A 8 0.35 2.07 5.44
C GLY A 8 0.00 0.83 4.65
N MET A 9 0.84 0.50 3.66
CA MET A 9 0.62 -0.66 2.82
C MET A 9 0.61 -1.94 3.66
N VAL A 10 -0.56 -2.28 4.18
CA VAL A 10 -0.71 -3.48 5.00
C VAL A 10 -1.08 -4.69 4.15
N GLU A 11 -1.80 -4.44 3.06
CA GLU A 11 -2.22 -5.51 2.16
C GLU A 11 -1.42 -5.47 0.87
N GLU A 12 -0.91 -6.62 0.45
CA GLU A 12 -0.12 -6.71 -0.77
C GLU A 12 -0.94 -6.27 -1.98
N CYS A 13 -0.89 -4.97 -2.29
CA CYS A 13 -1.62 -4.41 -3.41
C CYS A 13 -1.19 -5.07 -4.72
N ARG A 14 -2.09 -5.08 -5.70
CA ARG A 14 -1.79 -5.68 -7.00
C ARG A 14 -0.64 -4.94 -7.69
N LYS A 15 -0.92 -3.75 -8.19
CA LYS A 15 0.09 -2.96 -8.88
C LYS A 15 0.52 -1.77 -8.01
N ARG A 1 -4.64 3.50 -4.73
CA ARG A 1 -4.88 4.07 -3.38
C ARG A 1 -3.57 4.38 -2.67
N CYS A 2 -3.65 4.71 -1.39
CA CYS A 2 -2.46 5.02 -0.60
C CYS A 2 -1.76 3.74 -0.14
N CYS A 3 -1.11 3.07 -1.09
CA CYS A 3 -0.39 1.84 -0.79
C CYS A 3 1.10 2.10 -0.58
N HIS A 4 1.42 3.31 -0.13
CA HIS A 4 2.80 3.69 0.11
C HIS A 4 3.22 3.38 1.54
N PRO A 5 4.51 3.03 1.74
CA PRO A 5 5.03 2.71 3.07
C PRO A 5 4.72 3.79 4.10
N GLN A 6 4.86 5.04 3.69
CA GLN A 6 4.61 6.17 4.57
C GLN A 6 3.15 6.19 5.01
N CYS A 7 2.26 5.71 4.15
CA CYS A 7 0.84 5.66 4.45
C CYS A 7 0.51 4.47 5.34
N GLY A 8 0.74 3.27 4.82
CA GLY A 8 0.46 2.08 5.59
C GLY A 8 0.00 0.92 4.71
N MET A 9 0.87 0.50 3.80
CA MET A 9 0.54 -0.60 2.89
C MET A 9 0.43 -1.92 3.65
N VAL A 10 -0.79 -2.24 4.09
CA VAL A 10 -1.03 -3.47 4.83
C VAL A 10 -1.29 -4.64 3.89
N GLU A 11 -1.92 -4.33 2.75
CA GLU A 11 -2.24 -5.36 1.76
C GLU A 11 -1.36 -5.22 0.53
N GLU A 12 -0.75 -6.31 0.11
CA GLU A 12 0.11 -6.31 -1.07
C GLU A 12 -0.66 -5.87 -2.31
N CYS A 13 -0.72 -4.57 -2.53
CA CYS A 13 -1.43 -4.03 -3.69
C CYS A 13 -0.78 -4.49 -4.99
N ARG A 14 -1.39 -5.49 -5.63
CA ARG A 14 -0.86 -6.02 -6.87
C ARG A 14 -1.36 -5.20 -8.06
N LYS A 15 -0.78 -5.46 -9.24
CA LYS A 15 -1.17 -4.74 -10.45
C LYS A 15 -1.42 -5.71 -11.60
N ARG A 1 -3.86 3.68 -5.86
CA ARG A 1 -4.17 3.65 -4.41
C ARG A 1 -2.94 4.00 -3.58
N CYS A 2 -3.17 4.29 -2.30
CA CYS A 2 -2.07 4.64 -1.40
C CYS A 2 -1.46 3.40 -0.78
N CYS A 3 -0.67 2.68 -1.58
CA CYS A 3 -0.01 1.46 -1.11
C CYS A 3 1.41 1.75 -0.67
N HIS A 4 1.63 2.93 -0.11
CA HIS A 4 2.94 3.33 0.36
C HIS A 4 3.09 3.11 1.85
N PRO A 5 4.31 2.79 2.32
CA PRO A 5 4.58 2.55 3.74
C PRO A 5 4.10 3.69 4.63
N GLN A 6 4.47 4.91 4.26
CA GLN A 6 4.08 6.09 5.03
C GLN A 6 2.56 6.20 5.11
N CYS A 7 1.87 5.70 4.09
CA CYS A 7 0.41 5.74 4.05
C CYS A 7 -0.19 4.60 4.86
N GLY A 8 0.06 3.38 4.42
CA GLY A 8 -0.46 2.22 5.12
C GLY A 8 -0.32 0.93 4.32
N MET A 9 0.83 0.80 3.65
CA MET A 9 1.09 -0.38 2.84
C MET A 9 1.22 -1.63 3.71
N VAL A 10 0.07 -2.15 4.16
CA VAL A 10 0.04 -3.33 5.00
C VAL A 10 -0.42 -4.54 4.21
N GLU A 11 -1.27 -4.31 3.22
CA GLU A 11 -1.80 -5.39 2.39
C GLU A 11 -1.10 -5.41 1.02
N GLU A 12 -0.68 -6.61 0.61
CA GLU A 12 0.00 -6.76 -0.67
C GLU A 12 -0.86 -6.26 -1.81
N CYS A 13 -0.47 -5.14 -2.41
CA CYS A 13 -1.22 -4.56 -3.53
C CYS A 13 -0.66 -5.04 -4.86
N ARG A 14 -1.55 -5.23 -5.83
CA ARG A 14 -1.14 -5.69 -7.15
C ARG A 14 -2.09 -5.16 -8.23
N LYS A 15 -1.82 -3.93 -8.69
CA LYS A 15 -2.65 -3.31 -9.72
C LYS A 15 -1.92 -3.26 -11.05
N ARG A 1 -6.87 4.65 -2.28
CA ARG A 1 -6.23 3.34 -2.01
C ARG A 1 -4.71 3.44 -2.08
N CYS A 2 -4.09 3.83 -0.97
CA CYS A 2 -2.64 3.96 -0.91
C CYS A 2 -2.00 2.77 -0.19
N CYS A 3 -1.17 2.03 -0.90
CA CYS A 3 -0.50 0.87 -0.32
C CYS A 3 1.00 1.12 -0.18
N HIS A 4 1.40 2.38 -0.24
CA HIS A 4 2.80 2.76 -0.12
C HIS A 4 3.24 2.77 1.35
N PRO A 5 4.48 2.36 1.63
CA PRO A 5 5.01 2.34 3.00
C PRO A 5 4.88 3.70 3.67
N GLN A 6 4.80 4.75 2.85
CA GLN A 6 4.69 6.11 3.36
C GLN A 6 3.35 6.30 4.07
N CYS A 7 2.28 5.85 3.44
CA CYS A 7 0.94 5.97 4.01
C CYS A 7 0.64 4.83 4.96
N GLY A 8 1.01 3.61 4.55
CA GLY A 8 0.77 2.45 5.39
C GLY A 8 0.53 1.20 4.57
N MET A 9 1.62 0.60 4.09
CA MET A 9 1.52 -0.62 3.29
C MET A 9 0.83 -1.74 4.06
N VAL A 10 -0.49 -1.78 3.98
CA VAL A 10 -1.27 -2.80 4.69
C VAL A 10 -1.88 -3.79 3.71
N GLU A 11 -2.23 -3.31 2.52
CA GLU A 11 -2.83 -4.16 1.49
C GLU A 11 -1.83 -4.44 0.38
N GLU A 12 -1.49 -5.72 0.21
CA GLU A 12 -0.55 -6.14 -0.82
C GLU A 12 -1.10 -5.87 -2.21
N CYS A 13 -1.03 -4.62 -2.64
CA CYS A 13 -1.53 -4.23 -3.97
C CYS A 13 -0.69 -4.86 -5.06
N ARG A 14 -1.36 -5.46 -6.05
CA ARG A 14 -0.67 -6.09 -7.17
C ARG A 14 -0.62 -5.17 -8.38
N LYS A 15 0.43 -5.31 -9.18
CA LYS A 15 0.60 -4.48 -10.37
C LYS A 15 0.69 -3.01 -10.01
N ARG A 1 -4.34 4.89 -5.31
CA ARG A 1 -3.41 3.77 -4.97
C ARG A 1 -2.43 4.19 -3.88
N CYS A 2 -2.88 4.16 -2.64
CA CYS A 2 -2.03 4.53 -1.50
C CYS A 2 -1.27 3.31 -0.98
N CYS A 3 -0.44 2.74 -1.84
CA CYS A 3 0.36 1.57 -1.46
C CYS A 3 1.75 1.99 -1.00
N HIS A 4 1.81 3.08 -0.24
CA HIS A 4 3.07 3.59 0.25
C HIS A 4 3.24 3.26 1.74
N PRO A 5 4.48 3.08 2.20
CA PRO A 5 4.78 2.76 3.59
C PRO A 5 4.09 3.73 4.56
N GLN A 6 4.15 5.01 4.24
CA GLN A 6 3.53 6.03 5.08
C GLN A 6 2.01 5.86 5.11
N CYS A 7 1.47 5.21 4.09
CA CYS A 7 0.04 4.99 3.99
C CYS A 7 -0.33 3.59 4.50
N GLY A 8 0.53 3.02 5.34
CA GLY A 8 0.29 1.70 5.88
C GLY A 8 0.76 0.61 4.95
N MET A 9 0.25 0.60 3.73
CA MET A 9 0.63 -0.40 2.73
C MET A 9 0.67 -1.82 3.31
N VAL A 10 -0.03 -2.02 4.43
CA VAL A 10 -0.07 -3.32 5.07
C VAL A 10 -0.62 -4.39 4.14
N GLU A 11 -1.50 -3.98 3.24
CA GLU A 11 -2.11 -4.89 2.28
C GLU A 11 -1.32 -4.93 0.98
N GLU A 12 -0.91 -6.13 0.57
CA GLU A 12 -0.13 -6.29 -0.66
C GLU A 12 -0.93 -5.81 -1.87
N CYS A 13 -0.38 -4.84 -2.58
CA CYS A 13 -1.03 -4.30 -3.76
C CYS A 13 -0.41 -4.85 -5.04
N ARG A 14 -1.24 -5.49 -5.86
CA ARG A 14 -0.77 -6.08 -7.11
C ARG A 14 -1.04 -5.14 -8.29
N LYS A 15 -2.31 -5.04 -8.69
CA LYS A 15 -2.69 -4.18 -9.80
C LYS A 15 -3.49 -2.98 -9.31
N ARG A 1 -5.83 4.88 -3.97
CA ARG A 1 -5.60 4.33 -2.61
C ARG A 1 -4.21 4.68 -2.10
N CYS A 2 -4.08 4.83 -0.79
CA CYS A 2 -2.80 5.15 -0.17
C CYS A 2 -2.05 3.89 0.22
N CYS A 3 -1.51 3.19 -0.78
CA CYS A 3 -0.76 1.96 -0.53
C CYS A 3 0.73 2.24 -0.51
N HIS A 4 1.09 3.45 -0.10
CA HIS A 4 2.50 3.85 -0.05
C HIS A 4 3.16 3.31 1.22
N PRO A 5 4.43 2.87 1.13
CA PRO A 5 5.16 2.35 2.28
C PRO A 5 5.14 3.32 3.45
N GLN A 6 4.95 4.60 3.14
CA GLN A 6 4.90 5.64 4.15
C GLN A 6 3.51 5.75 4.75
N CYS A 7 2.50 5.51 3.92
CA CYS A 7 1.11 5.57 4.36
C CYS A 7 0.76 4.36 5.23
N GLY A 8 0.99 3.17 4.69
CA GLY A 8 0.70 1.95 5.42
C GLY A 8 0.31 0.81 4.51
N MET A 9 1.26 0.36 3.71
CA MET A 9 1.01 -0.74 2.78
C MET A 9 0.61 -2.01 3.53
N VAL A 10 -0.69 -2.22 3.69
CA VAL A 10 -1.21 -3.39 4.38
C VAL A 10 -1.85 -4.37 3.41
N GLU A 11 -2.42 -3.82 2.33
CA GLU A 11 -3.07 -4.65 1.32
C GLU A 11 -2.14 -4.90 0.14
N GLU A 12 -2.06 -6.15 -0.29
CA GLU A 12 -1.20 -6.52 -1.41
C GLU A 12 -1.58 -5.74 -2.67
N CYS A 13 -0.88 -4.63 -2.89
CA CYS A 13 -1.13 -3.78 -4.06
C CYS A 13 -0.02 -3.92 -5.08
N ARG A 14 0.36 -5.15 -5.38
CA ARG A 14 1.42 -5.43 -6.34
C ARG A 14 0.90 -6.22 -7.54
N LYS A 15 -0.31 -5.87 -7.98
CA LYS A 15 -0.92 -6.56 -9.11
C LYS A 15 -1.40 -5.55 -10.15
N ARG A 1 -4.14 4.26 -5.80
CA ARG A 1 -4.30 3.73 -4.42
C ARG A 1 -3.13 4.13 -3.54
N CYS A 2 -3.39 4.29 -2.25
CA CYS A 2 -2.36 4.67 -1.30
C CYS A 2 -1.62 3.43 -0.76
N CYS A 3 -0.80 2.83 -1.60
CA CYS A 3 -0.05 1.63 -1.22
C CYS A 3 1.38 2.00 -0.81
N HIS A 4 1.55 3.22 -0.31
CA HIS A 4 2.85 3.69 0.13
C HIS A 4 3.09 3.36 1.60
N PRO A 5 4.36 3.12 1.98
CA PRO A 5 4.72 2.80 3.36
C PRO A 5 4.15 3.80 4.36
N GLN A 6 4.31 5.09 4.06
CA GLN A 6 3.81 6.14 4.94
C GLN A 6 2.30 6.03 5.11
N CYS A 7 1.63 5.52 4.08
CA CYS A 7 0.18 5.37 4.12
C CYS A 7 -0.21 4.07 4.83
N GLY A 8 0.15 2.94 4.23
CA GLY A 8 -0.17 1.66 4.81
C GLY A 8 -0.01 0.51 3.83
N MET A 9 1.24 0.17 3.51
CA MET A 9 1.52 -0.91 2.57
C MET A 9 1.54 -2.27 3.27
N VAL A 10 0.71 -2.43 4.29
CA VAL A 10 0.63 -3.68 5.03
C VAL A 10 -0.12 -4.74 4.24
N GLU A 11 -1.08 -4.29 3.43
CA GLU A 11 -1.88 -5.20 2.62
C GLU A 11 -1.34 -5.28 1.20
N GLU A 12 -1.16 -6.50 0.70
CA GLU A 12 -0.64 -6.71 -0.64
C GLU A 12 -1.57 -6.08 -1.68
N CYS A 13 -1.22 -4.90 -2.16
CA CYS A 13 -2.01 -4.19 -3.15
C CYS A 13 -1.69 -4.70 -4.55
N ARG A 14 -2.64 -4.52 -5.47
CA ARG A 14 -2.47 -4.96 -6.85
C ARG A 14 -1.32 -4.19 -7.51
N LYS A 15 -0.92 -4.65 -8.69
CA LYS A 15 0.16 -4.02 -9.44
C LYS A 15 -0.24 -3.79 -10.89
N ARG A 1 -5.90 3.74 -4.79
CA ARG A 1 -5.84 3.94 -3.32
C ARG A 1 -4.40 4.13 -2.84
N CYS A 2 -4.25 4.50 -1.58
CA CYS A 2 -2.92 4.73 -1.00
C CYS A 2 -2.37 3.44 -0.40
N CYS A 3 -1.96 2.52 -1.28
CA CYS A 3 -1.42 1.24 -0.85
C CYS A 3 0.11 1.26 -0.86
N HIS A 4 0.68 2.45 -0.68
CA HIS A 4 2.12 2.62 -0.67
C HIS A 4 2.68 2.46 0.74
N PRO A 5 3.93 1.95 0.85
CA PRO A 5 4.57 1.75 2.16
C PRO A 5 4.55 3.00 3.02
N GLN A 6 4.90 4.14 2.41
CA GLN A 6 4.92 5.41 3.12
C GLN A 6 3.53 5.74 3.68
N CYS A 7 2.50 5.28 2.97
CA CYS A 7 1.12 5.53 3.39
C CYS A 7 0.68 4.51 4.44
N GLY A 8 1.22 3.31 4.35
CA GLY A 8 0.86 2.25 5.29
C GLY A 8 0.26 1.05 4.62
N MET A 9 0.93 0.53 3.60
CA MET A 9 0.45 -0.63 2.87
C MET A 9 0.26 -1.83 3.79
N VAL A 10 -0.94 -1.99 4.31
CA VAL A 10 -1.25 -3.10 5.22
C VAL A 10 -1.49 -4.39 4.45
N GLU A 11 -2.01 -4.25 3.23
CA GLU A 11 -2.29 -5.40 2.39
C GLU A 11 -1.39 -5.41 1.16
N GLU A 12 -0.74 -6.54 0.90
CA GLU A 12 0.15 -6.67 -0.26
C GLU A 12 -0.60 -6.39 -1.55
N CYS A 13 -0.41 -5.19 -2.11
CA CYS A 13 -1.06 -4.81 -3.35
C CYS A 13 -0.22 -5.23 -4.56
N ARG A 14 -0.71 -4.90 -5.75
CA ARG A 14 -0.01 -5.24 -6.98
C ARG A 14 0.04 -4.04 -7.93
N LYS A 15 0.16 -2.85 -7.36
CA LYS A 15 0.22 -1.63 -8.15
C LYS A 15 1.09 -0.57 -7.46
N ARG A 1 -4.31 2.84 -5.81
CA ARG A 1 -4.45 3.30 -4.39
C ARG A 1 -3.10 3.66 -3.79
N CYS A 2 -3.12 4.26 -2.61
CA CYS A 2 -1.90 4.66 -1.93
C CYS A 2 -1.29 3.49 -1.17
N CYS A 3 -0.46 2.71 -1.86
CA CYS A 3 0.19 1.55 -1.25
C CYS A 3 1.59 1.92 -0.78
N HIS A 4 1.79 3.18 -0.41
CA HIS A 4 3.07 3.65 0.05
C HIS A 4 3.30 3.28 1.51
N PRO A 5 4.56 2.98 1.90
CA PRO A 5 4.89 2.62 3.27
C PRO A 5 4.40 3.66 4.26
N GLN A 6 4.23 4.88 3.78
CA GLN A 6 3.75 5.99 4.61
C GLN A 6 2.24 5.90 4.81
N CYS A 7 1.54 5.46 3.77
CA CYS A 7 0.09 5.33 3.83
C CYS A 7 -0.31 4.12 4.67
N GLY A 8 0.54 3.09 4.65
CA GLY A 8 0.25 1.88 5.41
C GLY A 8 -0.13 0.72 4.52
N MET A 9 0.79 0.32 3.64
CA MET A 9 0.55 -0.79 2.73
C MET A 9 0.50 -2.11 3.47
N VAL A 10 -0.51 -2.27 4.33
CA VAL A 10 -0.67 -3.50 5.10
C VAL A 10 -1.04 -4.67 4.19
N GLU A 11 -1.76 -4.37 3.11
CA GLU A 11 -2.17 -5.41 2.17
C GLU A 11 -1.26 -5.39 0.94
N GLU A 12 -0.83 -6.58 0.53
CA GLU A 12 0.04 -6.72 -0.64
C GLU A 12 -0.47 -5.89 -1.82
N CYS A 13 0.37 -4.99 -2.30
CA CYS A 13 0.00 -4.13 -3.43
C CYS A 13 -0.21 -4.96 -4.69
N ARG A 14 -1.40 -4.84 -5.28
CA ARG A 14 -1.73 -5.58 -6.49
C ARG A 14 -1.53 -4.70 -7.73
N LYS A 15 -2.41 -3.73 -7.90
CA LYS A 15 -2.34 -2.82 -9.04
C LYS A 15 -1.52 -1.58 -8.70
N ARG A 1 -6.11 5.51 -3.82
CA ARG A 1 -5.37 4.32 -3.31
C ARG A 1 -4.02 4.71 -2.74
N CYS A 2 -3.90 4.63 -1.41
CA CYS A 2 -2.65 4.98 -0.74
C CYS A 2 -1.96 3.73 -0.19
N CYS A 3 -1.40 2.94 -1.11
CA CYS A 3 -0.70 1.71 -0.72
C CYS A 3 0.81 1.96 -0.65
N HIS A 4 1.18 3.18 -0.29
CA HIS A 4 2.58 3.55 -0.19
C HIS A 4 3.17 3.07 1.13
N PRO A 5 4.44 2.63 1.14
CA PRO A 5 5.10 2.17 2.36
C PRO A 5 5.03 3.20 3.47
N GLN A 6 4.87 4.46 3.07
CA GLN A 6 4.77 5.57 4.02
C GLN A 6 3.34 5.72 4.53
N CYS A 7 2.38 5.44 3.64
CA CYS A 7 0.96 5.56 3.99
C CYS A 7 0.53 4.39 4.88
N GLY A 8 0.88 3.18 4.47
CA GLY A 8 0.53 2.01 5.25
C GLY A 8 0.00 0.88 4.37
N MET A 9 0.88 0.32 3.55
CA MET A 9 0.49 -0.77 2.66
C MET A 9 0.19 -2.04 3.45
N VAL A 10 -0.93 -2.04 4.15
CA VAL A 10 -1.34 -3.19 4.95
C VAL A 10 -1.73 -4.36 4.07
N GLU A 11 -2.27 -4.05 2.89
CA GLU A 11 -2.68 -5.09 1.95
C GLU A 11 -1.67 -5.24 0.82
N GLU A 12 -1.30 -6.49 0.53
CA GLU A 12 -0.33 -6.77 -0.52
C GLU A 12 -0.79 -6.21 -1.86
N CYS A 13 -0.26 -5.04 -2.22
CA CYS A 13 -0.62 -4.39 -3.47
C CYS A 13 0.32 -4.82 -4.60
N ARG A 14 -0.23 -5.51 -5.59
CA ARG A 14 0.56 -5.98 -6.72
C ARG A 14 0.55 -4.95 -7.86
N LYS A 15 -0.58 -4.88 -8.55
CA LYS A 15 -0.72 -3.94 -9.67
C LYS A 15 -2.19 -3.60 -9.90
N ARG A 1 -4.69 6.80 -5.17
CA ARG A 1 -4.30 5.51 -4.53
C ARG A 1 -2.92 5.61 -3.88
N CYS A 2 -2.88 5.48 -2.56
CA CYS A 2 -1.63 5.55 -1.82
C CYS A 2 -1.32 4.22 -1.15
N CYS A 3 -0.66 3.33 -1.90
CA CYS A 3 -0.29 2.02 -1.37
C CYS A 3 1.15 2.03 -0.87
N HIS A 4 1.63 3.20 -0.45
CA HIS A 4 2.99 3.34 0.05
C HIS A 4 3.08 2.88 1.50
N PRO A 5 4.22 2.28 1.89
CA PRO A 5 4.42 1.82 3.26
C PRO A 5 4.17 2.92 4.28
N GLN A 6 4.31 4.17 3.82
CA GLN A 6 4.09 5.33 4.68
C GLN A 6 2.60 5.54 4.94
N CYS A 7 1.80 5.31 3.91
CA CYS A 7 0.36 5.47 4.01
C CYS A 7 -0.27 4.34 4.82
N GLY A 8 0.35 3.17 4.76
CA GLY A 8 -0.15 2.02 5.49
C GLY A 8 -0.59 0.90 4.57
N MET A 9 0.34 0.39 3.75
CA MET A 9 0.05 -0.68 2.82
C MET A 9 0.26 -2.04 3.48
N VAL A 10 -0.62 -2.40 4.41
CA VAL A 10 -0.53 -3.67 5.11
C VAL A 10 -0.74 -4.83 4.15
N GLU A 11 -1.54 -4.61 3.11
CA GLU A 11 -1.82 -5.64 2.12
C GLU A 11 -0.87 -5.52 0.94
N GLU A 12 -0.32 -6.65 0.50
CA GLU A 12 0.61 -6.67 -0.63
C GLU A 12 -0.01 -6.02 -1.86
N CYS A 13 0.47 -4.82 -2.19
CA CYS A 13 -0.04 -4.09 -3.35
C CYS A 13 0.35 -4.79 -4.65
N ARG A 14 -0.65 -5.10 -5.47
CA ARG A 14 -0.42 -5.77 -6.74
C ARG A 14 -1.20 -5.09 -7.86
N LYS A 15 -2.52 -5.13 -7.76
CA LYS A 15 -3.38 -4.52 -8.77
C LYS A 15 -3.16 -5.15 -10.14
N ARG A 1 -6.06 4.79 -4.33
CA ARG A 1 -5.32 3.61 -3.80
C ARG A 1 -4.01 4.03 -3.15
N CYS A 2 -4.01 4.09 -1.83
CA CYS A 2 -2.82 4.48 -1.08
C CYS A 2 -2.07 3.25 -0.57
N CYS A 3 -1.41 2.54 -1.50
CA CYS A 3 -0.65 1.35 -1.15
C CYS A 3 0.82 1.67 -0.98
N HIS A 4 1.12 2.90 -0.58
CA HIS A 4 2.49 3.34 -0.39
C HIS A 4 2.94 3.11 1.05
N PRO A 5 4.24 2.82 1.26
CA PRO A 5 4.78 2.59 2.59
C PRO A 5 4.43 3.70 3.58
N GLN A 6 4.59 4.94 3.14
CA GLN A 6 4.29 6.10 3.99
C GLN A 6 2.83 6.08 4.41
N CYS A 7 1.97 5.54 3.55
CA CYS A 7 0.54 5.46 3.85
C CYS A 7 0.24 4.27 4.75
N GLY A 8 1.03 3.21 4.61
CA GLY A 8 0.83 2.02 5.41
C GLY A 8 0.68 0.77 4.57
N MET A 9 1.74 0.41 3.86
CA MET A 9 1.72 -0.77 3.00
C MET A 9 1.44 -2.02 3.82
N VAL A 10 0.16 -2.33 3.99
CA VAL A 10 -0.25 -3.51 4.74
C VAL A 10 -1.34 -4.28 4.01
N GLU A 11 -1.32 -4.21 2.68
CA GLU A 11 -2.29 -4.90 1.86
C GLU A 11 -1.70 -5.29 0.51
N GLU A 12 -1.93 -6.53 0.09
CA GLU A 12 -1.43 -7.02 -1.17
C GLU A 12 -2.17 -6.37 -2.34
N CYS A 13 -1.65 -5.25 -2.81
CA CYS A 13 -2.26 -4.53 -3.92
C CYS A 13 -1.71 -5.02 -5.25
N ARG A 14 -2.06 -4.32 -6.33
CA ARG A 14 -1.61 -4.69 -7.66
C ARG A 14 -0.09 -4.65 -7.76
N LYS A 15 0.52 -3.75 -6.99
CA LYS A 15 1.98 -3.61 -6.97
C LYS A 15 2.51 -3.58 -5.54
N ARG A 1 -3.20 3.93 -5.97
CA ARG A 1 -3.64 3.75 -4.56
C ARG A 1 -2.53 4.20 -3.60
N CYS A 2 -2.89 4.32 -2.32
CA CYS A 2 -1.94 4.72 -1.30
C CYS A 2 -1.23 3.52 -0.71
N CYS A 3 -0.33 2.92 -1.48
CA CYS A 3 0.42 1.75 -1.03
C CYS A 3 1.80 2.16 -0.50
N HIS A 4 1.90 3.38 0.00
CA HIS A 4 3.16 3.89 0.53
C HIS A 4 3.28 3.58 2.02
N PRO A 5 4.52 3.37 2.50
CA PRO A 5 4.77 3.07 3.92
C PRO A 5 4.13 4.09 4.85
N GLN A 6 4.27 5.37 4.50
CA GLN A 6 3.70 6.44 5.31
C GLN A 6 2.18 6.31 5.41
N CYS A 7 1.58 5.77 4.36
CA CYS A 7 0.13 5.58 4.33
C CYS A 7 -0.27 4.32 5.09
N GLY A 8 0.61 3.33 5.08
CA GLY A 8 0.32 2.09 5.78
C GLY A 8 -0.03 0.96 4.82
N MET A 9 0.95 0.57 4.00
CA MET A 9 0.74 -0.50 3.04
C MET A 9 0.83 -1.87 3.71
N VAL A 10 -0.29 -2.33 4.28
CA VAL A 10 -0.33 -3.61 4.95
C VAL A 10 -1.08 -4.64 4.11
N GLU A 11 -1.04 -4.47 2.80
CA GLU A 11 -1.71 -5.39 1.88
C GLU A 11 -0.97 -5.46 0.56
N GLU A 12 -0.78 -6.69 0.07
CA GLU A 12 -0.08 -6.90 -1.20
C GLU A 12 -0.79 -6.17 -2.34
N CYS A 13 -0.41 -4.92 -2.56
CA CYS A 13 -1.02 -4.11 -3.62
C CYS A 13 -0.63 -4.65 -5.00
N ARG A 14 -1.65 -4.98 -5.80
CA ARG A 14 -1.43 -5.51 -7.14
C ARG A 14 -2.36 -4.85 -8.15
N LYS A 15 -2.31 -5.33 -9.39
CA LYS A 15 -3.15 -4.78 -10.45
C LYS A 15 -3.43 -5.84 -11.51
N ARG A 1 -6.52 4.41 -3.19
CA ARG A 1 -5.85 3.38 -2.35
C ARG A 1 -4.38 3.69 -2.15
N CYS A 2 -4.04 4.19 -0.96
CA CYS A 2 -2.66 4.53 -0.65
C CYS A 2 -1.86 3.29 -0.26
N CYS A 3 -1.24 2.65 -1.24
CA CYS A 3 -0.45 1.46 -1.01
C CYS A 3 1.03 1.81 -0.83
N HIS A 4 1.31 3.06 -0.51
CA HIS A 4 2.68 3.53 -0.31
C HIS A 4 3.15 3.22 1.11
N PRO A 5 4.43 2.84 1.27
CA PRO A 5 5.00 2.53 2.58
C PRO A 5 4.82 3.68 3.56
N GLN A 6 4.65 4.90 3.02
CA GLN A 6 4.47 6.08 3.84
C GLN A 6 3.12 6.04 4.57
N CYS A 7 2.14 5.39 3.95
CA CYS A 7 0.82 5.28 4.55
C CYS A 7 0.57 3.86 5.05
N GLY A 8 1.64 3.18 5.44
CA GLY A 8 1.51 1.83 5.94
C GLY A 8 0.81 0.90 4.96
N MET A 9 1.52 0.52 3.90
CA MET A 9 0.95 -0.37 2.89
C MET A 9 0.70 -1.76 3.46
N VAL A 10 -0.36 -1.89 4.25
CA VAL A 10 -0.70 -3.17 4.86
C VAL A 10 -1.46 -4.06 3.89
N GLU A 11 -2.19 -3.43 2.96
CA GLU A 11 -2.96 -4.18 1.98
C GLU A 11 -2.14 -4.43 0.72
N GLU A 12 -1.87 -5.70 0.44
CA GLU A 12 -1.08 -6.09 -0.73
C GLU A 12 -1.76 -5.61 -2.01
N CYS A 13 -1.04 -4.80 -2.78
CA CYS A 13 -1.56 -4.27 -4.03
C CYS A 13 -0.82 -4.86 -5.23
N ARG A 14 -1.54 -5.62 -6.06
CA ARG A 14 -0.94 -6.23 -7.23
C ARG A 14 -0.84 -5.23 -8.38
N LYS A 15 0.31 -5.22 -9.05
CA LYS A 15 0.53 -4.32 -10.17
C LYS A 15 1.89 -4.57 -10.81
N ARG A 1 -5.76 5.04 -4.63
CA ARG A 1 -4.72 3.99 -4.56
C ARG A 1 -3.46 4.49 -3.88
N CYS A 2 -3.29 4.12 -2.60
CA CYS A 2 -2.12 4.54 -1.84
C CYS A 2 -1.42 3.36 -1.21
N CYS A 3 -0.57 2.70 -1.98
CA CYS A 3 0.17 1.54 -1.50
C CYS A 3 1.57 1.95 -1.04
N HIS A 4 1.71 3.18 -0.59
CA HIS A 4 2.98 3.70 -0.12
C HIS A 4 3.28 3.22 1.29
N PRO A 5 4.54 2.88 1.60
CA PRO A 5 4.94 2.43 2.93
C PRO A 5 4.52 3.42 4.01
N GLN A 6 4.35 4.67 3.61
CA GLN A 6 3.95 5.73 4.54
C GLN A 6 2.45 5.71 4.77
N CYS A 7 1.70 5.42 3.71
CA CYS A 7 0.24 5.37 3.78
C CYS A 7 -0.21 4.23 4.69
N GLY A 8 0.58 3.16 4.73
CA GLY A 8 0.24 2.02 5.56
C GLY A 8 -0.09 0.79 4.74
N MET A 9 0.73 0.53 3.72
CA MET A 9 0.54 -0.63 2.85
C MET A 9 0.68 -1.93 3.64
N VAL A 10 -0.40 -2.33 4.31
CA VAL A 10 -0.39 -3.55 5.10
C VAL A 10 -0.71 -4.77 4.24
N GLU A 11 -1.53 -4.56 3.21
CA GLU A 11 -1.92 -5.63 2.31
C GLU A 11 -1.21 -5.50 0.96
N GLU A 12 -0.63 -6.60 0.49
CA GLU A 12 0.08 -6.61 -0.78
C GLU A 12 -0.84 -6.19 -1.92
N CYS A 13 -0.78 -4.91 -2.28
CA CYS A 13 -1.61 -4.37 -3.35
C CYS A 13 -1.30 -5.08 -4.67
N ARG A 14 -2.31 -5.13 -5.54
CA ARG A 14 -2.15 -5.78 -6.85
C ARG A 14 -1.04 -5.11 -7.65
N LYS A 15 -1.24 -3.84 -7.97
CA LYS A 15 -0.27 -3.08 -8.74
C LYS A 15 0.53 -2.14 -7.85
N ARG A 1 -4.83 2.65 -5.16
CA ARG A 1 -4.72 2.99 -3.72
C ARG A 1 -3.28 3.28 -3.32
N CYS A 2 -3.09 3.87 -2.15
CA CYS A 2 -1.76 4.20 -1.65
C CYS A 2 -1.09 2.98 -1.04
N CYS A 3 0.06 2.60 -1.61
CA CYS A 3 0.80 1.45 -1.11
C CYS A 3 2.13 1.87 -0.50
N HIS A 4 2.22 3.15 -0.11
CA HIS A 4 3.44 3.69 0.49
C HIS A 4 3.46 3.44 2.00
N PRO A 5 4.64 3.16 2.57
CA PRO A 5 4.77 2.92 4.01
C PRO A 5 4.21 4.07 4.82
N GLN A 6 4.14 5.25 4.21
CA GLN A 6 3.62 6.44 4.86
C GLN A 6 2.14 6.29 5.20
N CYS A 7 1.36 5.83 4.22
CA CYS A 7 -0.07 5.63 4.40
C CYS A 7 -0.35 4.29 5.06
N GLY A 8 0.51 3.31 4.81
CA GLY A 8 0.34 1.99 5.40
C GLY A 8 0.32 0.89 4.36
N MET A 9 1.50 0.47 3.92
CA MET A 9 1.63 -0.57 2.92
C MET A 9 1.42 -1.95 3.55
N VAL A 10 0.22 -2.17 4.09
CA VAL A 10 -0.10 -3.45 4.72
C VAL A 10 -0.86 -4.36 3.77
N GLU A 11 -1.61 -3.75 2.85
CA GLU A 11 -2.39 -4.51 1.87
C GLU A 11 -1.57 -4.79 0.62
N GLU A 12 -1.45 -6.06 0.27
CA GLU A 12 -0.69 -6.46 -0.91
C GLU A 12 -1.31 -5.86 -2.17
N CYS A 13 -0.90 -4.63 -2.49
CA CYS A 13 -1.41 -3.94 -3.67
C CYS A 13 -0.96 -4.66 -4.95
N ARG A 14 -1.93 -5.21 -5.68
CA ARG A 14 -1.64 -5.92 -6.91
C ARG A 14 -2.35 -5.27 -8.09
N LYS A 15 -1.57 -4.74 -9.03
CA LYS A 15 -2.13 -4.09 -10.21
C LYS A 15 -1.05 -3.87 -11.26
N ARG A 1 -5.17 3.95 -5.06
CA ARG A 1 -5.24 3.75 -3.59
C ARG A 1 -3.91 4.10 -2.92
N CYS A 2 -3.94 4.31 -1.61
CA CYS A 2 -2.75 4.65 -0.85
C CYS A 2 -2.05 3.40 -0.35
N CYS A 3 -1.41 2.68 -1.27
CA CYS A 3 -0.70 1.45 -0.92
C CYS A 3 0.79 1.71 -0.74
N HIS A 4 1.13 2.94 -0.35
CA HIS A 4 2.51 3.32 -0.14
C HIS A 4 2.95 3.06 1.30
N PRO A 5 4.24 2.74 1.51
CA PRO A 5 4.77 2.48 2.85
C PRO A 5 4.44 3.59 3.85
N GLN A 6 4.67 4.82 3.43
CA GLN A 6 4.39 5.98 4.29
C GLN A 6 2.92 6.02 4.69
N CYS A 7 2.06 5.52 3.81
CA CYS A 7 0.63 5.49 4.08
C CYS A 7 0.25 4.29 4.94
N GLY A 8 1.00 3.20 4.79
CA GLY A 8 0.73 2.01 5.57
C GLY A 8 0.55 0.78 4.69
N MET A 9 1.63 0.39 4.02
CA MET A 9 1.58 -0.78 3.14
C MET A 9 1.23 -2.05 3.92
N VAL A 10 -0.07 -2.29 4.09
CA VAL A 10 -0.54 -3.45 4.82
C VAL A 10 -1.21 -4.45 3.87
N GLU A 11 -1.83 -3.93 2.82
CA GLU A 11 -2.51 -4.77 1.84
C GLU A 11 -1.66 -4.92 0.58
N GLU A 12 -1.53 -6.16 0.11
CA GLU A 12 -0.75 -6.45 -1.09
C GLU A 12 -1.18 -5.56 -2.25
N CYS A 13 -0.30 -4.63 -2.63
CA CYS A 13 -0.58 -3.71 -3.73
C CYS A 13 -0.71 -4.47 -5.05
N ARG A 14 -1.95 -4.77 -5.43
CA ARG A 14 -2.21 -5.49 -6.68
C ARG A 14 -1.73 -4.69 -7.88
N LYS A 15 -0.44 -4.82 -8.20
CA LYS A 15 0.15 -4.11 -9.33
C LYS A 15 1.50 -4.69 -9.69
#